data_3IGI
#
_entry.id   3IGI
#
_cell.length_a   89.092
_cell.length_b   94.969
_cell.length_c   225.972
_cell.angle_alpha   90.00
_cell.angle_beta   90.00
_cell.angle_gamma   90.00
#
_symmetry.space_group_name_H-M   'P 21 21 21'
#
loop_
_entity.id
_entity.type
_entity.pdbx_description
1 polymer 'Group IIC intron'
2 polymer "5'-R(*CP*GP*CP*UP*CP*UP*AP*CP*UP*CP*UP*AP*U)-3'"
3 non-polymer 'MAGNESIUM ION'
4 non-polymer 'POTASSIUM ION'
5 water water
#
loop_
_entity_poly.entity_id
_entity_poly.type
_entity_poly.pdbx_seq_one_letter_code
_entity_poly.pdbx_strand_id
1 'polyribonucleotide'
;GUGUGCCCGGCAUGGGUGCAGUCUAUAGGGUGAGAGUCCCGAACUGUGAAGGCAGAAGUAACAGUUAGCCUAACGCAAGG
GUGUCCGUGGCGACAUGGAAUCUGAAGGAAGCGGACGGCAAACCUUCGGUCUGAGGAACACGAACUUCAUAUGAGGCUAG
GUAUCAAUGGAUGAGUUUGCAUAACAAAACAAAGUCCUUUCUGCCAAAGUUGGUACAGAGUAAAUGAAGCAGAUUGAUGA
AGGGAAAGACUGCAUUCUUACCCGGGGAGGUCUGGAAACAGAAGUCAGCAGAAGUCAUAGUACCCUGUUCGCAGGGGAAG
GACGGAACAAGUAUGGCGUUCGCGCCUAAGCUUGAACCGCCGUAUACCGAACGGUACGUACGGUGGUGUGAGAGGAGUUC
GCUCUACUCUAU
;
A
2 'polyribonucleotide' CGCUCUACUCUAU B
#
loop_
_chem_comp.id
_chem_comp.type
_chem_comp.name
_chem_comp.formula
A RNA linking ADENOSINE-5'-MONOPHOSPHATE 'C10 H14 N5 O7 P'
C RNA linking CYTIDINE-5'-MONOPHOSPHATE 'C9 H14 N3 O8 P'
G RNA linking GUANOSINE-5'-MONOPHOSPHATE 'C10 H14 N5 O8 P'
K non-polymer 'POTASSIUM ION' 'K 1'
MG non-polymer 'MAGNESIUM ION' 'Mg 2'
U RNA linking URIDINE-5'-MONOPHOSPHATE 'C9 H13 N2 O9 P'
#
# COMPACT_ATOMS: atom_id res chain seq x y z
MG MG C . 1.28 7.68 8.38
MG MG D . 3.32 11.37 10.30
MG MG E . 13.49 12.41 3.88
MG MG F . -0.33 -6.80 -23.95
MG MG G . -23.17 -26.20 -5.49
MG MG H . -24.49 -32.21 -7.52
MG MG I . -6.43 22.03 7.35
MG MG J . -13.08 4.74 9.02
MG MG K . -5.76 24.72 9.33
MG MG L . -7.00 4.75 6.94
MG MG M . 5.73 8.68 -15.73
MG MG N . 6.39 35.58 1.66
MG MG O . -5.23 -42.94 5.37
MG MG P . -16.81 -39.76 -21.96
MG MG Q . 8.65 -3.36 -5.41
MG MG R . -8.24 0.73 2.80
MG MG S . -6.40 9.76 -0.82
MG MG T . -11.09 -22.03 2.50
MG MG U . -4.59 -15.53 12.17
MG MG V . 22.29 29.62 -10.34
MG MG W . 33.34 33.64 -4.84
MG MG X . 13.99 -7.78 -0.98
MG MG Y . -12.76 9.69 16.28
MG MG Z . -1.80 -33.69 -14.21
MG MG AA . 26.79 11.85 -6.83
MG MG BA . -2.38 1.98 27.74
MG MG CA . 7.97 -9.81 -13.04
MG MG DA . 32.94 6.60 -2.92
MG MG EA . 19.51 14.30 -14.90
MG MG FA . -7.88 -25.02 2.87
MG MG GA . 5.37 11.39 -9.05
MG MG HA . -13.38 -30.37 22.81
MG MG IA . -13.49 -43.56 2.81
MG MG JA . -28.72 12.97 6.50
MG MG KA . -8.60 -9.94 10.15
MG MG LA . -2.15 -28.81 -10.40
MG MG MA . -17.06 -1.25 32.33
MG MG NA . 9.02 26.85 -10.66
MG MG OA . 17.97 13.88 -2.67
MG MG PA . 2.74 27.77 6.91
MG MG QA . -17.59 -30.93 16.44
MG MG RA . 7.83 20.20 -3.53
MG MG SA . -4.85 17.74 -1.60
MG MG TA . -16.69 51.98 20.74
K K UA . 7.61 4.83 1.71
K K VA . 3.11 -26.75 -2.30
K K WA . 36.62 34.50 -3.47
K K XA . -11.42 -38.93 -14.64
K K YA . -5.11 -14.61 -24.41
K K ZA . 15.52 9.21 -15.05
K K AB . 26.17 18.98 -12.08
K K BB . -21.02 -26.61 12.96
K K CB . -24.89 21.47 5.84
K K DB . 38.28 9.14 -2.07
K K EB . 8.65 8.24 4.54
K K FB . 26.06 -3.23 -2.47
K K GB . -29.91 -37.59 -23.17
K K HB . -23.72 -0.52 12.42
K K IB . -2.30 -9.18 -3.72
K K JB . -0.07 13.89 7.44
K K KB . -10.40 39.82 10.78
K K LB . -8.15 43.54 7.66
K K MB . -15.57 -21.71 -4.12
K K NB . 44.38 13.39 -2.99
K K OB . -1.96 -39.42 17.86
K K PB . -10.51 -21.37 -29.13
#